data_1SAX
#
_entry.id   1SAX
#
_cell.length_a   133.600
_cell.length_b   133.600
_cell.length_c   54.700
_cell.angle_alpha   90.00
_cell.angle_beta   90.00
_cell.angle_gamma   120.00
#
_symmetry.space_group_name_H-M   'P 31 2 1'
#
loop_
_entity.id
_entity.type
_entity.pdbx_description
1 polymer "5'-d(GCTCCGATATTACAGTTGTAATTTT)-3'"
2 polymer "5'-d(CAAAATTACAACTGTAATATCGGAG)-3'"
3 polymer 'Methicillin resistance regulatory protein mecI'
4 non-polymer 'POTASSIUM ION'
5 water water
#
loop_
_entity_poly.entity_id
_entity_poly.type
_entity_poly.pdbx_seq_one_letter_code
_entity_poly.pdbx_strand_id
1 'polydeoxyribonucleotide'
;(DG)(DC)(DT)(DC)(DC)(DG)(DA)(DT)(DA)(DT)(DT)(DA)(DC)(DA)(DG)(DT)(DT)(DG)(DT)(DA)
(DA)(DT)(DT)(DT)(DT)
;
C
2 'polydeoxyribonucleotide'
;(DC)(DA)(DA)(DA)(DA)(DT)(DT)(DA)(DC)(DA)(DA)(DC)(DT)(DG)(DT)(DA)(DA)(DT)(DA)(DT)
(DC)(DG)(DG)(DA)(DG)
;
D
3 'polypeptide(L)'
;MDNKTYEISSAEWEVMNIIWMKKYASANNIIEEIQMQKDWSPKTIRTLITRLYKKGFIDRKKDNKIFQYYSLVEESDIKY
KTSKNFINKVYKGGFNSLVLNFVEKEDLSQDEIEELRNILNKK
;
A,B
#
loop_
_chem_comp.id
_chem_comp.type
_chem_comp.name
_chem_comp.formula
DA DNA linking 2'-DEOXYADENOSINE-5'-MONOPHOSPHATE 'C10 H14 N5 O6 P'
DC DNA linking 2'-DEOXYCYTIDINE-5'-MONOPHOSPHATE 'C9 H14 N3 O7 P'
DG DNA linking 2'-DEOXYGUANOSINE-5'-MONOPHOSPHATE 'C10 H14 N5 O7 P'
DT DNA linking THYMIDINE-5'-MONOPHOSPHATE 'C10 H15 N2 O8 P'
K non-polymer 'POTASSIUM ION' 'K 1'
#
# COMPACT_ATOMS: atom_id res chain seq x y z
N ASN C 3 23.89 -1.34 5.45
CA ASN C 3 23.15 -1.55 4.18
C ASN C 3 21.75 -0.97 4.30
N LYS C 4 21.51 -0.28 5.43
CA LYS C 4 20.15 -0.02 5.94
C LYS C 4 19.33 1.06 5.23
N THR C 5 18.16 0.64 4.75
CA THR C 5 17.11 1.52 4.24
C THR C 5 15.94 1.35 5.19
N TYR C 6 15.30 2.45 5.52
CA TYR C 6 14.18 2.41 6.45
C TYR C 6 12.84 2.63 5.73
N GLU C 7 11.75 2.34 6.42
CA GLU C 7 10.44 2.51 5.85
C GLU C 7 9.67 3.60 6.60
N ILE C 8 8.63 4.14 5.98
CA ILE C 8 7.69 4.94 6.72
C ILE C 8 6.57 4.00 7.07
N SER C 9 6.30 3.80 8.35
CA SER C 9 5.23 2.92 8.79
C SER C 9 3.85 3.53 8.56
N SER C 10 2.79 2.75 8.78
CA SER C 10 1.43 3.23 8.58
C SER C 10 1.10 4.43 9.42
N ALA C 11 1.27 4.36 10.74
CA ALA C 11 0.98 5.53 11.58
C ALA C 11 1.81 6.75 11.16
N GLU C 12 3.04 6.49 10.69
CA GLU C 12 3.97 7.56 10.36
C GLU C 12 3.56 8.40 9.18
N TRP C 13 2.82 7.80 8.25
CA TRP C 13 2.38 8.55 7.09
C TRP C 13 1.47 9.67 7.53
N GLU C 14 0.91 9.60 8.73
CA GLU C 14 0.12 10.72 9.26
C GLU C 14 0.97 11.96 9.56
N VAL C 15 2.08 11.74 10.26
CA VAL C 15 2.99 12.82 10.61
C VAL C 15 3.60 13.37 9.33
N MET C 16 4.14 12.49 8.50
CA MET C 16 4.72 12.90 7.23
C MET C 16 3.81 13.85 6.40
N ASN C 17 2.56 13.46 6.20
CA ASN C 17 1.64 14.35 5.49
C ASN C 17 1.51 15.72 6.18
N ILE C 18 1.32 15.75 7.51
CA ILE C 18 1.19 17.03 8.21
C ILE C 18 2.43 17.91 7.94
N ILE C 19 3.61 17.30 7.98
CA ILE C 19 4.87 18.04 7.83
C ILE C 19 5.03 18.58 6.42
N TRP C 20 4.45 17.88 5.46
CA TRP C 20 4.53 18.31 4.06
C TRP C 20 3.57 19.47 3.80
N MET C 21 2.41 19.43 4.45
CA MET C 21 1.44 20.52 4.35
C MET C 21 2.03 21.76 5.00
N LYS C 22 2.48 21.62 6.24
CA LYS C 22 2.89 22.78 7.02
C LYS C 22 4.31 23.24 6.65
N LYS C 23 5.09 22.35 6.05
CA LYS C 23 6.46 22.63 5.59
C LYS C 23 7.44 22.76 6.73
N TYR C 24 6.94 23.27 7.84
CA TYR C 24 7.74 23.67 9.01
C TYR C 24 6.76 23.59 10.17
N ALA C 25 7.09 22.76 11.16
CA ALA C 25 6.19 22.52 12.29
C ALA C 25 6.97 22.12 13.53
N SER C 26 6.44 22.47 14.69
CA SER C 26 6.98 21.97 15.95
C SER C 26 6.23 20.68 16.20
N ALA C 27 6.69 19.92 17.19
CA ALA C 27 6.02 18.71 17.56
C ALA C 27 4.60 19.09 17.93
N ASN C 28 4.46 20.13 18.74
CA ASN C 28 3.14 20.65 19.13
C ASN C 28 2.19 21.07 17.98
N ASN C 29 2.68 21.83 17.01
CA ASN C 29 1.95 22.06 15.77
C ASN C 29 1.37 20.74 15.28
N ILE C 30 2.26 19.75 15.12
CA ILE C 30 1.91 18.48 14.52
C ILE C 30 0.85 17.79 15.37
N ILE C 31 1.07 17.74 16.69
CA ILE C 31 0.11 17.18 17.63
C ILE C 31 -1.26 17.86 17.52
N GLU C 32 -1.28 19.19 17.42
CA GLU C 32 -2.54 19.89 17.35
C GLU C 32 -3.31 19.46 16.10
N GLU C 33 -2.60 19.40 14.98
CA GLU C 33 -3.16 18.97 13.68
C GLU C 33 -3.71 17.55 13.66
N ILE C 34 -2.93 16.60 14.16
CA ILE C 34 -3.36 15.21 14.11
C ILE C 34 -4.60 15.04 14.96
N GLN C 35 -4.61 15.69 16.12
CA GLN C 35 -5.71 15.55 17.06
C GLN C 35 -7.05 16.14 16.59
N MET C 36 -7.00 16.98 15.55
CA MET C 36 -8.21 17.43 14.86
C MET C 36 -8.89 16.26 14.17
N GLN C 37 -8.23 15.66 13.17
CA GLN C 37 -8.68 14.41 12.56
C GLN C 37 -8.64 13.23 13.55
N LYS C 38 -7.60 12.38 13.46
CA LYS C 38 -7.43 11.19 14.30
C LYS C 38 -7.26 11.52 15.80
N ASP C 39 -7.57 10.57 16.68
CA ASP C 39 -7.44 10.78 18.13
C ASP C 39 -6.35 9.91 18.76
N TRP C 40 -5.13 10.45 18.76
CA TRP C 40 -3.96 9.75 19.26
C TRP C 40 -3.35 10.57 20.38
N SER C 41 -2.71 9.90 21.34
CA SER C 41 -2.00 10.59 22.40
C SER C 41 -0.80 11.38 21.84
N PRO C 42 -0.39 12.46 22.50
CA PRO C 42 0.78 13.24 22.05
C PRO C 42 2.07 12.48 22.33
N LYS C 43 2.00 11.58 23.31
CA LYS C 43 3.13 10.74 23.65
C LYS C 43 3.41 9.80 22.46
N THR C 44 2.34 9.32 21.84
CA THR C 44 2.42 8.63 20.58
C THR C 44 2.97 9.51 19.46
N ILE C 45 2.34 10.66 19.21
CA ILE C 45 2.76 11.48 18.08
C ILE C 45 4.24 11.85 18.22
N ARG C 46 4.66 12.26 19.41
CA ARG C 46 6.08 12.59 19.61
C ARG C 46 7.01 11.39 19.25
N THR C 47 6.61 10.19 19.66
CA THR C 47 7.36 8.97 19.37
C THR C 47 7.54 8.76 17.89
N LEU C 48 6.45 8.89 17.14
CA LEU C 48 6.50 8.77 15.69
C LEU C 48 7.35 9.88 15.05
N ILE C 49 7.32 11.09 15.58
CA ILE C 49 8.16 12.15 15.04
C ILE C 49 9.62 11.78 15.26
N THR C 50 9.91 11.32 16.47
CA THR C 50 11.25 10.88 16.78
C THR C 50 11.69 9.78 15.81
N ARG C 51 10.94 8.69 15.75
CA ARG C 51 11.27 7.61 14.82
C ARG C 51 11.50 8.11 13.39
N LEU C 52 10.64 9.01 12.89
CA LEU C 52 10.83 9.54 11.53
C LEU C 52 12.10 10.37 11.44
N TYR C 53 12.43 11.00 12.54
CA TYR C 53 13.64 11.78 12.64
C TYR C 53 14.88 10.86 12.62
N LYS C 54 14.85 9.80 13.43
CA LYS C 54 15.98 8.86 13.53
C LYS C 54 16.19 8.05 12.25
N LYS C 55 15.11 7.68 11.56
CA LYS C 55 15.21 7.02 10.27
C LYS C 55 15.76 7.94 9.18
N GLY C 56 15.83 9.23 9.45
CA GLY C 56 16.28 10.22 8.49
C GLY C 56 15.27 10.70 7.44
N PHE C 57 13.99 10.77 7.77
CA PHE C 57 12.99 11.25 6.81
C PHE C 57 12.73 12.71 7.01
N ILE C 58 12.91 13.14 8.26
CA ILE C 58 12.71 14.53 8.65
C ILE C 58 13.90 14.97 9.47
N ASP C 59 14.29 16.24 9.34
CA ASP C 59 15.34 16.84 10.17
C ASP C 59 14.76 18.01 10.96
N ARG C 60 15.60 18.69 11.75
CA ARG C 60 15.15 19.82 12.55
C ARG C 60 16.21 20.87 12.85
N LYS C 61 15.75 22.14 12.92
CA LYS C 61 16.53 23.27 13.41
C LYS C 61 15.72 23.91 14.54
N LYS C 62 16.40 24.45 15.55
CA LYS C 62 15.70 25.08 16.68
C LYS C 62 15.29 26.53 16.42
N ASP C 63 14.07 26.85 16.81
CA ASP C 63 13.58 28.23 16.81
C ASP C 63 13.22 28.58 18.25
N ASN C 64 13.73 29.72 18.72
CA ASN C 64 13.75 30.02 20.16
C ASN C 64 13.62 28.77 21.06
N LYS C 65 14.69 27.97 21.06
CA LYS C 65 14.85 26.79 21.93
C LYS C 65 13.84 25.65 21.67
N ILE C 66 12.91 25.88 20.74
CA ILE C 66 11.92 24.86 20.29
C ILE C 66 12.21 24.26 18.88
N PHE C 67 12.12 22.93 18.76
CA PHE C 67 12.44 22.24 17.52
C PHE C 67 11.40 22.39 16.40
N GLN C 68 11.89 22.74 15.21
CA GLN C 68 11.07 22.82 14.00
C GLN C 68 11.40 21.67 13.04
N TYR C 69 10.47 20.75 12.83
CA TYR C 69 10.77 19.62 11.98
C TYR C 69 10.39 19.94 10.57
N TYR C 70 11.18 19.41 9.64
CA TYR C 70 10.87 19.53 8.23
C TYR C 70 11.31 18.26 7.53
N SER C 71 10.63 17.90 6.43
CA SER C 71 10.95 16.72 5.65
C SER C 71 12.27 16.85 4.89
N LEU C 72 12.95 15.72 4.69
CA LEU C 72 14.17 15.65 3.91
C LEU C 72 13.95 14.89 2.60
N VAL C 73 12.77 14.35 2.41
CA VAL C 73 12.49 13.53 1.24
C VAL C 73 11.41 14.25 0.43
N GLU C 74 11.54 14.22 -0.90
CA GLU C 74 10.53 14.87 -1.74
C GLU C 74 9.26 14.06 -1.78
N GLU C 75 8.17 14.68 -1.34
CA GLU C 75 6.86 14.06 -1.26
C GLU C 75 6.49 13.21 -2.47
N SER C 76 6.56 13.81 -3.64
CA SER C 76 6.06 13.14 -4.82
C SER C 76 6.87 11.91 -5.19
N ASP C 77 8.19 11.95 -4.94
CA ASP C 77 9.04 10.80 -5.18
C ASP C 77 8.74 9.67 -4.21
N ILE C 78 8.68 10.02 -2.94
CA ILE C 78 8.47 8.99 -1.94
C ILE C 78 7.12 8.30 -2.05
N LYS C 79 6.05 9.05 -2.36
CA LYS C 79 4.73 8.47 -2.52
C LYS C 79 4.71 7.59 -3.72
N TYR C 80 5.38 8.01 -4.78
CA TYR C 80 5.43 7.26 -6.00
C TYR C 80 6.20 5.95 -5.82
N LYS C 81 7.39 6.06 -5.24
CA LYS C 81 8.21 4.89 -4.94
C LYS C 81 7.41 3.93 -4.07
N THR C 82 6.75 4.44 -3.03
CA THR C 82 5.89 3.62 -2.17
C THR C 82 4.77 2.92 -2.92
N SER C 83 4.04 3.66 -3.76
CA SER C 83 2.93 3.08 -4.50
C SER C 83 3.41 2.06 -5.55
N LYS C 84 4.54 2.34 -6.19
CA LYS C 84 5.12 1.42 -7.13
C LYS C 84 5.39 0.09 -6.40
N ASN C 85 5.87 0.19 -5.16
CA ASN C 85 6.14 -1.00 -4.35
C ASN C 85 4.89 -1.76 -3.99
N PHE C 86 3.87 -1.01 -3.58
CA PHE C 86 2.66 -1.62 -3.10
C PHE C 86 1.99 -2.36 -4.26
N ILE C 87 1.82 -1.67 -5.38
CA ILE C 87 1.10 -2.22 -6.52
C ILE C 87 1.75 -3.48 -7.07
N ASN C 88 3.06 -3.51 -7.01
CA ASN C 88 3.73 -4.67 -7.55
C ASN C 88 3.58 -5.89 -6.64
N LYS C 89 3.57 -5.68 -5.32
CA LYS C 89 3.39 -6.80 -4.41
C LYS C 89 1.94 -7.34 -4.45
N VAL C 90 0.98 -6.45 -4.65
CA VAL C 90 -0.43 -6.83 -4.69
C VAL C 90 -0.96 -7.18 -6.08
N TYR C 91 -0.70 -6.34 -7.07
CA TYR C 91 -1.25 -6.57 -8.39
C TYR C 91 -0.23 -7.15 -9.36
N LYS C 92 -0.42 -8.41 -9.72
CA LYS C 92 0.47 -9.03 -10.69
C LYS C 92 0.42 -8.24 -11.98
N GLY C 93 -0.67 -7.51 -12.18
CA GLY C 93 -0.88 -6.74 -13.39
C GLY C 93 -0.47 -5.31 -13.26
N GLY C 94 0.08 -4.90 -12.11
CA GLY C 94 0.57 -3.54 -11.94
C GLY C 94 -0.47 -2.44 -11.99
N PHE C 95 -0.05 -1.22 -12.23
CA PHE C 95 -0.96 -0.09 -12.26
C PHE C 95 -2.34 -0.27 -12.90
N ASN C 96 -2.40 -0.70 -14.16
CA ASN C 96 -3.66 -0.76 -14.88
C ASN C 96 -4.59 -1.77 -14.27
N SER C 97 -4.00 -2.82 -13.71
CA SER C 97 -4.73 -3.87 -13.02
C SER C 97 -5.46 -3.24 -11.82
N LEU C 98 -4.77 -2.32 -11.16
CA LEU C 98 -5.30 -1.64 -10.00
C LEU C 98 -6.43 -0.71 -10.42
N VAL C 99 -6.14 0.11 -11.42
CA VAL C 99 -7.13 1.00 -11.95
C VAL C 99 -8.39 0.24 -12.36
N LEU C 100 -8.22 -0.84 -13.12
CA LEU C 100 -9.36 -1.66 -13.50
C LEU C 100 -10.12 -2.09 -12.25
N ASN C 101 -9.39 -2.61 -11.26
CA ASN C 101 -9.99 -3.09 -10.02
C ASN C 101 -10.93 -2.08 -9.36
N PHE C 102 -10.56 -0.80 -9.36
CA PHE C 102 -11.43 0.28 -8.83
C PHE C 102 -12.65 0.55 -9.70
N VAL C 103 -12.45 0.58 -11.01
CA VAL C 103 -13.55 0.75 -11.93
C VAL C 103 -14.59 -0.34 -11.68
N GLU C 104 -14.17 -1.60 -11.70
CA GLU C 104 -15.09 -2.70 -11.50
C GLU C 104 -15.67 -2.75 -10.07
N LYS C 105 -14.99 -2.14 -9.10
CA LYS C 105 -15.51 -2.15 -7.74
C LYS C 105 -16.19 -0.84 -7.39
N GLU C 106 -15.43 0.25 -7.30
CA GLU C 106 -15.96 1.59 -7.01
C GLU C 106 -16.98 2.05 -8.05
N ASP C 107 -17.84 2.98 -7.65
CA ASP C 107 -18.75 3.65 -8.57
C ASP C 107 -18.77 5.12 -8.24
N LEU C 108 -18.25 5.93 -9.14
CA LEU C 108 -18.43 7.37 -9.04
C LEU C 108 -18.88 7.99 -10.36
N SER C 109 -19.38 9.21 -10.25
CA SER C 109 -20.04 9.93 -11.33
C SER C 109 -19.20 10.08 -12.59
N GLN C 110 -19.83 10.56 -13.65
CA GLN C 110 -19.14 11.00 -14.85
C GLN C 110 -18.27 12.22 -14.53
N ASP C 111 -18.50 12.84 -13.36
CA ASP C 111 -17.67 13.92 -12.85
C ASP C 111 -16.30 13.39 -12.48
N GLU C 112 -16.30 12.31 -11.68
CA GLU C 112 -15.07 11.67 -11.27
C GLU C 112 -14.39 11.02 -12.44
N ILE C 113 -15.10 10.15 -13.15
CA ILE C 113 -14.59 9.54 -14.36
C ILE C 113 -13.99 10.60 -15.30
N GLU C 114 -14.60 11.78 -15.35
CA GLU C 114 -14.03 12.86 -16.14
C GLU C 114 -12.77 13.41 -15.51
N GLU C 115 -12.77 13.58 -14.19
CA GLU C 115 -11.63 14.15 -13.48
C GLU C 115 -10.39 13.38 -13.87
N LEU C 116 -10.49 12.06 -13.77
CA LEU C 116 -9.44 11.14 -14.15
C LEU C 116 -9.06 11.35 -15.61
N ARG C 117 -10.07 11.28 -16.48
CA ARG C 117 -9.87 11.51 -17.91
C ARG C 117 -9.15 12.82 -18.17
N ASN C 118 -9.42 13.82 -17.34
CA ASN C 118 -8.75 15.12 -17.41
C ASN C 118 -7.29 15.04 -16.98
N ILE C 119 -7.03 14.18 -15.99
CA ILE C 119 -5.67 13.95 -15.53
C ILE C 119 -4.89 13.11 -16.55
N LEU C 120 -5.50 12.04 -17.03
CA LEU C 120 -4.87 11.21 -18.06
C LEU C 120 -4.54 12.01 -19.31
N ASN C 121 -5.59 12.65 -19.85
CA ASN C 121 -5.48 13.57 -20.99
C ASN C 121 -4.38 14.61 -20.78
N LYS C 122 -4.24 15.07 -19.54
CA LYS C 122 -3.22 16.02 -19.09
C LYS C 122 -3.55 17.46 -19.42
N ASN D 3 -12.44 -12.32 17.42
CA ASN D 3 -12.64 -10.95 17.97
C ASN D 3 -11.81 -9.93 17.19
N LYS D 4 -10.56 -10.29 16.87
CA LYS D 4 -9.63 -9.42 16.11
C LYS D 4 -9.67 -9.75 14.63
N THR D 5 -9.45 -8.72 13.80
CA THR D 5 -9.23 -8.91 12.37
C THR D 5 -7.74 -8.90 12.08
N TYR D 6 -7.34 -9.74 11.13
CA TYR D 6 -5.96 -9.84 10.70
C TYR D 6 -5.72 -9.21 9.33
N GLU D 7 -4.47 -9.17 8.94
CA GLU D 7 -4.09 -8.53 7.72
C GLU D 7 -3.21 -9.51 6.93
N ILE D 8 -3.06 -9.26 5.63
CA ILE D 8 -2.12 -9.99 4.81
C ILE D 8 -0.81 -9.18 4.78
N SER D 9 0.30 -9.78 5.22
CA SER D 9 1.59 -9.09 5.26
C SER D 9 2.19 -8.99 3.84
N SER D 10 3.25 -8.22 3.65
CA SER D 10 3.79 -8.04 2.30
C SER D 10 4.27 -9.37 1.65
N ALA D 11 4.92 -10.20 2.46
CA ALA D 11 5.46 -11.46 1.96
C ALA D 11 4.28 -12.39 1.75
N GLU D 12 3.28 -12.30 2.63
CA GLU D 12 2.09 -13.12 2.44
C GLU D 12 1.35 -12.85 1.10
N TRP D 13 1.48 -11.65 0.54
CA TRP D 13 0.81 -11.40 -0.74
C TRP D 13 1.28 -12.35 -1.80
N GLU D 14 2.49 -12.90 -1.66
CA GLU D 14 2.99 -13.80 -2.70
C GLU D 14 2.31 -15.18 -2.67
N VAL D 15 2.11 -15.71 -1.48
CA VAL D 15 1.41 -16.97 -1.30
C VAL D 15 -0.03 -16.85 -1.81
N MET D 16 -0.69 -15.76 -1.39
CA MET D 16 -2.05 -15.46 -1.78
C MET D 16 -2.17 -15.46 -3.26
N ASN D 17 -1.27 -14.74 -3.93
CA ASN D 17 -1.38 -14.60 -5.36
C ASN D 17 -1.25 -15.93 -6.03
N ILE D 18 -0.33 -16.76 -5.52
CA ILE D 18 -0.05 -18.07 -6.07
C ILE D 18 -1.27 -18.96 -5.84
N ILE D 19 -1.75 -18.97 -4.59
CA ILE D 19 -2.98 -19.69 -4.24
C ILE D 19 -4.12 -19.31 -5.21
N TRP D 20 -4.41 -18.03 -5.34
CA TRP D 20 -5.39 -17.59 -6.32
C TRP D 20 -5.12 -18.09 -7.74
N MET D 21 -3.84 -18.20 -8.12
CA MET D 21 -3.53 -18.65 -9.47
C MET D 21 -3.82 -20.14 -9.64
N LYS D 22 -3.57 -20.91 -8.60
CA LYS D 22 -3.64 -22.35 -8.72
C LYS D 22 -4.97 -22.88 -8.23
N LYS D 23 -5.75 -21.98 -7.60
CA LYS D 23 -7.06 -22.27 -7.02
C LYS D 23 -7.03 -23.26 -5.81
N TYR D 24 -6.18 -24.30 -5.89
CA TYR D 24 -6.18 -25.45 -4.98
C TYR D 24 -4.81 -26.11 -5.04
N ALA D 25 -4.04 -26.09 -3.95
CA ALA D 25 -2.61 -26.45 -4.04
C ALA D 25 -1.90 -26.79 -2.73
N SER D 26 -1.04 -27.81 -2.76
CA SER D 26 -0.21 -28.13 -1.60
C SER D 26 0.81 -27.03 -1.33
N ALA D 27 1.27 -27.00 -0.08
CA ALA D 27 2.42 -26.16 0.26
C ALA D 27 3.54 -26.38 -0.76
N ASN D 28 3.80 -27.64 -1.11
CA ASN D 28 4.79 -27.99 -2.13
C ASN D 28 4.55 -27.39 -3.52
N ASN D 29 3.35 -27.60 -4.07
CA ASN D 29 2.95 -26.92 -5.30
C ASN D 29 3.31 -25.45 -5.21
N ILE D 30 2.90 -24.80 -4.11
CA ILE D 30 3.11 -23.36 -3.88
C ILE D 30 4.58 -23.04 -3.76
N ILE D 31 5.35 -23.93 -3.13
CA ILE D 31 6.78 -23.68 -2.91
C ILE D 31 7.52 -23.70 -4.22
N GLU D 32 7.27 -24.72 -5.03
CA GLU D 32 7.87 -24.76 -6.35
C GLU D 32 7.65 -23.43 -7.10
N GLU D 33 6.40 -23.00 -7.24
CA GLU D 33 6.10 -21.75 -7.95
C GLU D 33 6.79 -20.52 -7.41
N ILE D 34 6.75 -20.32 -6.10
CA ILE D 34 7.29 -19.12 -5.52
C ILE D 34 8.77 -19.08 -5.77
N GLN D 35 9.38 -20.25 -5.81
CA GLN D 35 10.82 -20.34 -6.00
C GLN D 35 11.33 -20.01 -7.40
N MET D 36 10.41 -20.04 -8.37
CA MET D 36 10.68 -19.53 -9.72
C MET D 36 10.72 -18.02 -9.72
N GLN D 37 9.78 -17.39 -9.01
CA GLN D 37 9.78 -15.93 -8.87
C GLN D 37 10.81 -15.50 -7.80
N LYS D 38 10.34 -15.10 -6.63
CA LYS D 38 11.16 -14.86 -5.45
C LYS D 38 12.08 -16.02 -5.03
N ASP D 39 12.97 -15.76 -4.09
CA ASP D 39 13.99 -16.71 -3.69
C ASP D 39 14.00 -16.95 -2.17
N TRP D 40 13.06 -17.74 -1.68
CA TRP D 40 12.88 -17.93 -0.25
C TRP D 40 13.02 -19.39 0.14
N SER D 41 13.32 -19.62 1.41
CA SER D 41 13.39 -20.97 1.95
C SER D 41 12.00 -21.58 2.02
N PRO D 42 11.90 -22.89 1.79
CA PRO D 42 10.63 -23.60 1.95
C PRO D 42 10.17 -23.50 3.39
N LYS D 43 11.07 -23.19 4.31
CA LYS D 43 10.69 -23.12 5.71
C LYS D 43 9.90 -21.84 5.92
N THR D 44 10.47 -20.75 5.37
CA THR D 44 9.77 -19.52 5.15
C THR D 44 8.39 -19.65 4.49
N ILE D 45 8.33 -20.07 3.24
CA ILE D 45 7.04 -20.17 2.57
C ILE D 45 6.07 -20.98 3.44
N ARG D 46 6.55 -22.07 4.05
CA ARG D 46 5.63 -22.85 4.87
C ARG D 46 5.07 -22.07 6.06
N THR D 47 5.88 -21.20 6.65
CA THR D 47 5.47 -20.37 7.78
C THR D 47 4.39 -19.39 7.36
N LEU D 48 4.63 -18.75 6.20
CA LEU D 48 3.70 -17.75 5.69
C LEU D 48 2.34 -18.44 5.48
N ILE D 49 2.35 -19.57 4.77
CA ILE D 49 1.16 -20.43 4.62
C ILE D 49 0.44 -20.66 5.95
N THR D 50 1.18 -21.13 6.95
CA THR D 50 0.61 -21.37 8.27
C THR D 50 -0.09 -20.11 8.77
N ARG D 51 0.60 -19.00 8.66
CA ARG D 51 0.11 -17.75 9.18
C ARG D 51 -1.21 -17.39 8.50
N LEU D 52 -1.25 -17.43 7.18
CA LEU D 52 -2.45 -17.05 6.44
C LEU D 52 -3.58 -17.95 6.89
N TYR D 53 -3.21 -19.19 7.18
CA TYR D 53 -4.16 -20.18 7.60
C TYR D 53 -4.71 -19.85 8.98
N LYS D 54 -3.85 -19.61 9.95
CA LYS D 54 -4.32 -19.20 11.28
C LYS D 54 -5.12 -17.89 11.27
N LYS D 55 -4.81 -17.00 10.34
CA LYS D 55 -5.53 -15.75 10.19
C LYS D 55 -6.90 -15.96 9.53
N GLY D 56 -7.07 -17.14 8.94
CA GLY D 56 -8.27 -17.48 8.21
C GLY D 56 -8.35 -16.78 6.86
N PHE D 57 -7.25 -16.65 6.14
CA PHE D 57 -7.37 -16.18 4.76
C PHE D 57 -7.43 -17.36 3.82
N ILE D 58 -6.88 -18.48 4.29
CA ILE D 58 -6.89 -19.71 3.50
C ILE D 58 -7.39 -20.89 4.31
N ASP D 59 -7.84 -21.94 3.65
CA ASP D 59 -8.25 -23.13 4.37
C ASP D 59 -7.73 -24.37 3.68
N ARG D 60 -7.93 -25.55 4.25
CA ARG D 60 -7.37 -26.77 3.66
C ARG D 60 -8.20 -28.04 3.75
N LYS D 61 -8.00 -28.91 2.76
CA LYS D 61 -8.47 -30.28 2.82
C LYS D 61 -7.31 -31.26 2.57
N LYS D 62 -7.39 -32.42 3.19
CA LYS D 62 -6.45 -33.51 2.95
C LYS D 62 -6.87 -34.29 1.70
N ASP D 63 -6.17 -34.08 0.58
CA ASP D 63 -6.20 -34.98 -0.56
C ASP D 63 -5.13 -35.99 -0.19
N ASN D 64 -5.48 -37.26 -0.13
CA ASN D 64 -4.52 -38.34 0.08
C ASN D 64 -3.26 -37.99 0.89
N LYS D 65 -3.50 -37.65 2.16
CA LYS D 65 -2.45 -37.41 3.16
C LYS D 65 -1.87 -35.97 3.17
N ILE D 66 -1.87 -35.29 2.03
CA ILE D 66 -1.28 -33.95 1.91
C ILE D 66 -2.32 -32.82 1.94
N PHE D 67 -2.09 -31.78 2.74
CA PHE D 67 -2.98 -30.62 2.72
C PHE D 67 -2.94 -29.83 1.41
N GLN D 68 -4.12 -29.58 0.85
CA GLN D 68 -4.31 -28.64 -0.26
C GLN D 68 -4.89 -27.34 0.30
N TYR D 69 -4.40 -26.18 -0.18
CA TYR D 69 -4.83 -24.86 0.31
C TYR D 69 -5.61 -24.12 -0.71
N TYR D 70 -6.62 -23.39 -0.28
CA TYR D 70 -7.45 -22.62 -1.19
C TYR D 70 -7.80 -21.31 -0.47
N SER D 71 -8.24 -20.29 -1.21
CA SER D 71 -8.56 -18.99 -0.63
C SER D 71 -9.99 -19.01 -0.05
N LEU D 72 -10.18 -18.30 1.06
CA LEU D 72 -11.49 -18.10 1.65
C LEU D 72 -11.95 -16.66 1.49
N VAL D 73 -11.11 -15.82 0.85
CA VAL D 73 -11.49 -14.44 0.48
C VAL D 73 -11.40 -14.20 -1.04
N GLU D 74 -12.36 -13.46 -1.60
CA GLU D 74 -12.39 -13.21 -3.04
C GLU D 74 -11.31 -12.22 -3.43
N GLU D 75 -10.62 -12.50 -4.55
CA GLU D 75 -9.43 -11.73 -4.93
C GLU D 75 -9.73 -10.23 -5.07
N SER D 76 -10.67 -9.90 -5.96
CA SER D 76 -10.92 -8.49 -6.28
C SER D 76 -11.38 -7.70 -5.08
N ASP D 77 -12.12 -8.36 -4.20
CA ASP D 77 -12.65 -7.70 -3.03
C ASP D 77 -11.53 -7.34 -2.07
N ILE D 78 -10.67 -8.29 -1.76
CA ILE D 78 -9.65 -8.03 -0.80
C ILE D 78 -8.58 -7.07 -1.36
N LYS D 79 -8.25 -7.23 -2.63
CA LYS D 79 -7.31 -6.32 -3.30
C LYS D 79 -7.80 -4.88 -3.20
N TYR D 80 -9.04 -4.65 -3.62
CA TYR D 80 -9.66 -3.33 -3.54
C TYR D 80 -9.66 -2.79 -2.10
N LYS D 81 -10.32 -3.53 -1.21
CA LYS D 81 -10.19 -3.27 0.21
C LYS D 81 -8.77 -2.81 0.53
N THR D 82 -7.76 -3.56 0.10
CA THR D 82 -6.37 -3.22 0.45
C THR D 82 -5.87 -1.92 -0.18
N SER D 83 -6.14 -1.76 -1.47
CA SER D 83 -5.66 -0.63 -2.23
C SER D 83 -6.33 0.61 -1.70
N LYS D 84 -7.63 0.48 -1.42
CA LYS D 84 -8.41 1.55 -0.80
C LYS D 84 -7.78 1.97 0.52
N ASN D 85 -7.31 1.00 1.29
CA ASN D 85 -6.69 1.35 2.55
C ASN D 85 -5.32 1.99 2.38
N PHE D 86 -4.60 1.56 1.36
CA PHE D 86 -3.28 2.10 1.10
C PHE D 86 -3.35 3.54 0.64
N ILE D 87 -4.23 3.80 -0.30
CA ILE D 87 -4.39 5.14 -0.84
C ILE D 87 -4.75 6.15 0.25
N ASN D 88 -5.48 5.70 1.25
CA ASN D 88 -5.94 6.60 2.28
C ASN D 88 -4.89 6.96 3.29
N LYS D 89 -3.95 6.06 3.55
CA LYS D 89 -2.90 6.45 4.48
C LYS D 89 -1.84 7.32 3.79
N VAL D 90 -1.57 7.04 2.53
CA VAL D 90 -0.53 7.74 1.80
C VAL D 90 -0.99 9.02 1.15
N TYR D 91 -2.16 9.01 0.53
CA TYR D 91 -2.61 10.14 -0.26
C TYR D 91 -3.80 10.91 0.34
N LYS D 92 -3.53 12.13 0.77
CA LYS D 92 -4.59 13.00 1.28
C LYS D 92 -5.60 13.34 0.17
N GLY D 93 -5.15 13.33 -1.10
CA GLY D 93 -6.03 13.55 -2.24
C GLY D 93 -6.83 12.32 -2.69
N GLY D 94 -6.50 11.15 -2.14
CA GLY D 94 -7.20 9.93 -2.51
C GLY D 94 -6.80 9.37 -3.87
N PHE D 95 -7.69 8.58 -4.46
CA PHE D 95 -7.43 7.92 -5.73
C PHE D 95 -6.85 8.86 -6.83
N ASN D 96 -7.58 9.93 -7.16
CA ASN D 96 -7.15 10.87 -8.19
C ASN D 96 -5.74 11.36 -7.99
N SER D 97 -5.40 11.54 -6.73
CA SER D 97 -4.09 11.99 -6.34
C SER D 97 -3.02 11.00 -6.76
N LEU D 98 -3.30 9.72 -6.51
CA LEU D 98 -2.42 8.63 -6.88
C LEU D 98 -2.20 8.62 -8.39
N VAL D 99 -3.30 8.61 -9.12
CA VAL D 99 -3.24 8.62 -10.57
C VAL D 99 -2.46 9.83 -11.08
N LEU D 100 -2.68 10.99 -10.48
CA LEU D 100 -1.92 12.19 -10.83
C LEU D 100 -0.42 12.04 -10.57
N ASN D 101 -0.08 11.32 -9.50
CA ASN D 101 1.29 11.10 -9.09
C ASN D 101 2.01 10.22 -10.11
N PHE D 102 1.34 9.13 -10.50
CA PHE D 102 1.89 8.25 -11.52
C PHE D 102 2.08 8.92 -12.86
N VAL D 103 1.16 9.84 -13.19
CA VAL D 103 1.18 10.56 -14.45
C VAL D 103 2.34 11.55 -14.49
N GLU D 104 2.48 12.36 -13.45
CA GLU D 104 3.53 13.36 -13.47
C GLU D 104 4.93 12.74 -13.36
N LYS D 105 4.99 11.45 -13.04
CA LYS D 105 6.28 10.73 -13.02
C LYS D 105 6.54 9.94 -14.32
N GLU D 106 5.92 10.38 -15.42
CA GLU D 106 5.95 9.67 -16.70
C GLU D 106 5.97 8.17 -16.53
N ASP D 107 5.13 7.65 -15.63
CA ASP D 107 5.16 6.22 -15.43
C ASP D 107 4.32 5.45 -16.44
N LEU D 108 3.50 6.20 -17.19
CA LEU D 108 2.57 5.62 -18.16
C LEU D 108 2.94 5.94 -19.63
N SER D 109 3.04 4.90 -20.46
CA SER D 109 3.29 5.09 -21.88
C SER D 109 2.04 5.57 -22.65
N GLN D 110 2.24 6.21 -23.80
CA GLN D 110 1.13 6.68 -24.61
C GLN D 110 0.05 5.60 -24.80
N ASP D 111 0.46 4.37 -25.11
CA ASP D 111 -0.46 3.19 -25.24
C ASP D 111 -1.16 2.87 -23.94
N GLU D 112 -0.44 3.00 -22.83
CA GLU D 112 -1.03 2.77 -21.52
C GLU D 112 -2.12 3.78 -21.19
N ILE D 113 -1.85 5.05 -21.38
CA ILE D 113 -2.85 6.09 -21.19
C ILE D 113 -4.08 5.83 -22.07
N GLU D 114 -3.81 5.31 -23.26
CA GLU D 114 -4.84 4.91 -24.19
C GLU D 114 -5.77 3.93 -23.51
N GLU D 115 -5.18 2.81 -23.06
CA GLU D 115 -5.89 1.70 -22.42
C GLU D 115 -6.73 2.13 -21.24
N LEU D 116 -6.19 3.04 -20.42
CA LEU D 116 -6.89 3.54 -19.24
C LEU D 116 -8.08 4.39 -19.65
N ARG D 117 -7.91 5.16 -20.72
CA ARG D 117 -9.03 5.92 -21.23
C ARG D 117 -10.15 5.02 -21.73
N ASN D 118 -9.82 3.78 -22.11
CA ASN D 118 -10.83 2.79 -22.50
C ASN D 118 -11.50 2.12 -21.31
N ILE D 119 -10.72 1.82 -20.27
CA ILE D 119 -11.30 1.26 -19.05
C ILE D 119 -12.28 2.28 -18.44
N LEU D 120 -11.98 3.56 -18.64
CA LEU D 120 -12.84 4.64 -18.18
C LEU D 120 -14.05 4.82 -19.08
N ASN D 121 -13.78 4.90 -20.39
CA ASN D 121 -14.80 5.21 -21.40
C ASN D 121 -15.95 4.21 -21.44
N LYS D 122 -15.92 3.26 -20.52
CA LYS D 122 -17.05 2.36 -20.29
C LYS D 122 -18.36 3.13 -19.99
K K E . 4.80 0.42 -16.76
#